data_4ASF
#
_entry.id   4ASF
#
_cell.length_a   73.734
_cell.length_b   73.734
_cell.length_c   109.363
_cell.angle_alpha   90.00
_cell.angle_beta   90.00
_cell.angle_gamma   90.00
#
_symmetry.space_group_name_H-M   'P 43 2 2'
#
loop_
_entity.id
_entity.type
_entity.pdbx_description
1 polymer 'ATP-DEPENDENT MOLECULAR CHAPERONE HSP82'
2 non-polymer '(8S,9R,13R,14S,16R)-21-(furan-2-yl)-13-hydroxy-8,14,19-trimethoxy-16-methyl-4,10,12-trimethylidene-3,20,22-trioxo-2-azabicyclo[16.3.1]docosa-1(21),18-dien-9-yl carbamate'
3 non-polymer 'NICKEL (II) ION'
4 water water
#
_entity_poly.entity_id   1
_entity_poly.type   'polypeptide(L)'
_entity_poly.pdbx_seq_one_letter_code
;MASETFEFQAEITQLMSLIINTVYSNKEIFLRELISNASDALDKIRYKSLSDPKQLETEPDLFIRITPKPEQKVLEIRDS
GIGMTKAELINNLGTIAKSGTKAFMEALSAGADVSMIGQFGVGFYSLFLVADRVQVISKSNDDEQYIWESNAGGSFTVTL
DEVNERIGRGTILRLFLKDDQLEYLEEKRIKEVIKRHSEFVAYPIQLVVTKEVEKEVPIP
;
_entity_poly.pdbx_strand_id   A
#
# COMPACT_ATOMS: atom_id res chain seq x y z
N ALA A 2 1.53 -11.70 18.97
CA ALA A 2 2.92 -11.95 19.46
C ALA A 2 3.83 -12.28 18.26
N SER A 3 3.23 -12.32 17.07
CA SER A 3 3.93 -12.20 15.75
C SER A 3 4.42 -13.46 14.98
N GLU A 4 3.64 -13.89 13.97
CA GLU A 4 3.92 -15.12 13.20
C GLU A 4 4.62 -14.84 11.86
N THR A 5 5.52 -15.75 11.46
CA THR A 5 6.27 -15.69 10.20
C THR A 5 5.65 -16.61 9.14
N PHE A 6 5.50 -16.07 7.92
CA PHE A 6 4.89 -16.79 6.80
C PHE A 6 5.77 -16.76 5.58
N GLU A 7 5.61 -17.77 4.75
CA GLU A 7 6.42 -17.89 3.56
C GLU A 7 5.71 -17.27 2.37
N PHE A 8 6.45 -16.53 1.56
CA PHE A 8 5.89 -16.04 0.31
C PHE A 8 5.77 -17.18 -0.72
N GLN A 9 4.61 -17.30 -1.37
CA GLN A 9 4.51 -18.16 -2.55
C GLN A 9 5.66 -17.81 -3.47
N ALA A 10 6.18 -18.82 -4.15
CA ALA A 10 7.47 -18.72 -4.83
C ALA A 10 7.54 -17.60 -5.88
N GLU A 11 6.51 -17.54 -6.74
CA GLU A 11 6.40 -16.58 -7.82
C GLU A 11 6.35 -15.16 -7.27
N ILE A 12 5.69 -15.02 -6.11
CA ILE A 12 5.56 -13.72 -5.44
C ILE A 12 6.91 -13.20 -4.97
N THR A 13 7.73 -14.10 -4.40
CA THR A 13 9.12 -13.79 -4.11
C THR A 13 9.84 -13.34 -5.38
N GLN A 14 9.66 -14.06 -6.51
CA GLN A 14 10.35 -13.68 -7.77
C GLN A 14 9.94 -12.28 -8.18
N LEU A 15 8.62 -12.08 -8.37
CA LEU A 15 8.10 -10.75 -8.65
C LEU A 15 8.81 -9.69 -7.80
N MET A 16 8.84 -9.85 -6.48
CA MET A 16 9.39 -8.80 -5.60
C MET A 16 10.84 -8.46 -5.87
N SER A 17 11.63 -9.47 -6.23
CA SER A 17 13.04 -9.29 -6.59
C SER A 17 13.21 -8.54 -7.91
N LEU A 18 12.45 -8.98 -8.91
CA LEU A 18 12.42 -8.33 -10.19
C LEU A 18 12.19 -6.83 -10.02
N ILE A 19 11.29 -6.48 -9.11
CA ILE A 19 10.92 -5.11 -8.86
C ILE A 19 11.91 -4.36 -7.98
N ILE A 20 12.26 -4.92 -6.81
CA ILE A 20 13.12 -4.19 -5.84
C ILE A 20 14.51 -3.96 -6.44
N ASN A 21 15.00 -4.96 -7.19
CA ASN A 21 16.27 -4.87 -7.96
C ASN A 21 16.00 -4.43 -9.37
N THR A 22 15.65 -3.16 -9.49
CA THR A 22 15.36 -2.60 -10.80
C THR A 22 15.49 -1.10 -10.94
N VAL A 23 16.46 -0.73 -11.76
CA VAL A 23 16.48 0.50 -12.55
C VAL A 23 15.10 0.72 -13.23
N TYR A 24 14.90 1.92 -13.73
CA TYR A 24 13.63 2.27 -14.33
C TYR A 24 13.30 3.63 -13.80
N SER A 25 13.07 4.56 -14.72
CA SER A 25 12.78 5.98 -14.42
C SER A 25 11.42 6.16 -13.71
N ASN A 26 10.37 5.59 -14.29
CA ASN A 26 8.97 5.86 -13.89
C ASN A 26 8.55 5.18 -12.56
N LYS A 27 9.42 5.24 -11.57
CA LYS A 27 9.13 4.62 -10.28
C LYS A 27 7.92 5.33 -9.62
N GLU A 28 7.67 6.58 -10.04
CA GLU A 28 6.59 7.36 -9.47
C GLU A 28 5.25 6.62 -9.53
N ILE A 29 5.16 5.61 -10.39
CA ILE A 29 3.90 4.91 -10.55
C ILE A 29 3.46 4.23 -9.28
N PHE A 30 4.40 3.92 -8.39
CA PHE A 30 4.01 3.25 -7.16
C PHE A 30 2.92 4.08 -6.46
N LEU A 31 2.95 5.40 -6.65
CA LEU A 31 1.93 6.24 -6.00
C LEU A 31 0.55 6.07 -6.60
N ARG A 32 0.48 5.99 -7.94
CA ARG A 32 -0.81 5.73 -8.61
C ARG A 32 -1.34 4.42 -8.09
N GLU A 33 -0.43 3.47 -7.89
CA GLU A 33 -0.88 2.14 -7.60
C GLU A 33 -1.50 2.04 -6.24
N LEU A 34 -0.90 2.73 -5.26
CA LEU A 34 -1.40 2.65 -3.90
C LEU A 34 -2.56 3.58 -3.70
N ILE A 35 -2.61 4.65 -4.46
CA ILE A 35 -3.80 5.46 -4.39
C ILE A 35 -5.00 4.73 -5.04
N SER A 36 -4.73 4.02 -6.12
CA SER A 36 -5.68 3.17 -6.80
C SER A 36 -6.22 2.07 -5.87
N ASN A 37 -5.36 1.52 -5.01
CA ASN A 37 -5.76 0.48 -4.07
C ASN A 37 -6.61 1.04 -2.98
N ALA A 38 -6.23 2.23 -2.53
CA ALA A 38 -6.89 2.89 -1.44
C ALA A 38 -8.30 3.13 -1.88
N SER A 39 -8.39 3.68 -3.10
CA SER A 39 -9.67 4.03 -3.71
C SER A 39 -10.55 2.79 -3.81
N ASP A 40 -9.98 1.69 -4.30
CA ASP A 40 -10.73 0.45 -4.40
C ASP A 40 -11.26 0.06 -3.03
N ALA A 41 -10.41 0.20 -2.01
CA ALA A 41 -10.79 -0.17 -0.63
C ALA A 41 -11.85 0.75 -0.03
N LEU A 42 -11.84 1.99 -0.50
CA LEU A 42 -12.86 2.94 -0.08
C LEU A 42 -14.22 2.66 -0.78
N ASP A 43 -14.17 2.39 -2.11
CA ASP A 43 -15.34 1.87 -2.83
C ASP A 43 -16.02 0.70 -2.11
N LYS A 44 -15.22 -0.30 -1.76
CA LYS A 44 -15.70 -1.53 -1.15
C LYS A 44 -16.46 -1.30 0.15
N ILE A 45 -15.93 -0.49 1.07
CA ILE A 45 -16.70 -0.19 2.29
C ILE A 45 -17.90 0.75 2.04
N ARG A 46 -17.79 1.68 1.09
CA ARG A 46 -18.94 2.52 0.77
C ARG A 46 -20.07 1.62 0.26
N TYR A 47 -19.73 0.69 -0.65
CA TYR A 47 -20.68 -0.29 -1.19
C TYR A 47 -21.23 -1.26 -0.15
N LYS A 48 -20.35 -1.90 0.63
CA LYS A 48 -20.78 -2.71 1.77
C LYS A 48 -21.71 -1.91 2.69
N SER A 49 -21.46 -0.62 2.82
CA SER A 49 -22.28 0.20 3.75
C SER A 49 -23.72 0.46 3.25
N LEU A 50 -23.96 0.25 1.95
CA LEU A 50 -25.29 0.45 1.37
C LEU A 50 -26.34 -0.43 2.05
N SER A 51 -26.02 -1.72 2.23
CA SER A 51 -26.91 -2.64 2.95
C SER A 51 -26.59 -2.82 4.44
N ASP A 52 -25.61 -2.07 4.94
CA ASP A 52 -25.09 -2.23 6.30
C ASP A 52 -24.50 -0.87 6.77
N PRO A 53 -25.37 0.15 6.96
CA PRO A 53 -24.87 1.53 7.25
C PRO A 53 -23.95 1.64 8.46
N LYS A 54 -24.01 0.66 9.36
CA LYS A 54 -23.32 0.71 10.65
C LYS A 54 -21.83 0.40 10.47
N GLN A 55 -21.46 -0.20 9.33
CA GLN A 55 -20.10 -0.51 8.99
C GLN A 55 -19.26 0.78 8.94
N LEU A 56 -19.91 1.89 8.57
CA LEU A 56 -19.29 3.23 8.54
C LEU A 56 -19.06 3.84 9.92
N GLU A 57 -19.81 3.37 10.93
CA GLU A 57 -19.78 3.96 12.28
C GLU A 57 -18.36 4.07 12.89
N THR A 58 -17.53 3.04 12.68
CA THR A 58 -16.12 2.98 13.18
C THR A 58 -15.16 4.07 12.65
N GLU A 59 -15.60 4.74 11.59
CA GLU A 59 -14.84 5.80 10.93
C GLU A 59 -15.75 6.38 9.84
N PRO A 60 -16.60 7.37 10.21
CA PRO A 60 -17.57 7.95 9.25
C PRO A 60 -16.94 8.62 8.03
N ASP A 61 -15.71 9.14 8.14
CA ASP A 61 -15.08 9.90 7.07
C ASP A 61 -14.26 9.05 6.10
N LEU A 62 -14.55 9.23 4.80
CA LEU A 62 -13.91 8.45 3.74
C LEU A 62 -12.94 9.34 3.00
N PHE A 63 -11.65 9.02 3.16
CA PHE A 63 -10.53 9.85 2.66
C PHE A 63 -9.29 8.99 2.41
N ILE A 64 -8.32 9.61 1.74
CA ILE A 64 -6.97 9.08 1.50
C ILE A 64 -6.09 10.16 2.10
N ARG A 65 -5.07 9.76 2.86
CA ARG A 65 -4.16 10.74 3.50
C ARG A 65 -2.69 10.32 3.39
N ILE A 66 -1.85 11.20 2.89
CA ILE A 66 -0.48 10.92 2.63
C ILE A 66 0.35 11.78 3.56
N THR A 67 1.14 11.10 4.40
CA THR A 67 1.94 11.69 5.50
C THR A 67 3.45 11.34 5.28
N PRO A 68 4.21 12.31 4.66
CA PRO A 68 5.67 12.13 4.59
C PRO A 68 6.19 12.35 6.00
N LYS A 69 6.95 11.39 6.51
CA LYS A 69 7.66 11.46 7.79
C LYS A 69 9.19 11.57 7.47
N PRO A 70 9.70 12.78 7.13
CA PRO A 70 11.10 12.89 6.60
C PRO A 70 12.16 12.31 7.55
N GLU A 71 11.94 12.56 8.84
CA GLU A 71 12.84 12.17 9.94
C GLU A 71 13.14 10.70 9.86
N GLN A 72 12.12 9.89 9.57
CA GLN A 72 12.27 8.43 9.65
C GLN A 72 12.54 7.80 8.29
N LYS A 73 12.80 8.67 7.31
CA LYS A 73 12.83 8.33 5.88
C LYS A 73 11.59 7.47 5.51
N VAL A 74 10.43 7.81 6.06
CA VAL A 74 9.21 7.00 5.87
C VAL A 74 8.15 7.83 5.19
N LEU A 75 7.41 7.22 4.26
CA LEU A 75 6.15 7.79 3.72
C LEU A 75 4.97 6.87 3.93
N GLU A 76 3.85 7.44 4.40
CA GLU A 76 2.65 6.64 4.73
C GLU A 76 1.49 7.06 3.88
N ILE A 77 0.81 6.06 3.33
CA ILE A 77 -0.44 6.29 2.61
C ILE A 77 -1.54 5.62 3.39
N ARG A 78 -2.42 6.43 3.94
CA ARG A 78 -3.56 5.94 4.71
C ARG A 78 -4.88 6.02 3.95
N ASP A 79 -5.74 5.05 4.17
CA ASP A 79 -7.09 5.14 3.62
C ASP A 79 -8.04 4.72 4.74
N SER A 80 -9.25 5.28 4.72
CA SER A 80 -10.26 4.86 5.68
C SER A 80 -11.20 3.87 4.99
N GLY A 81 -10.59 2.93 4.28
CA GLY A 81 -11.35 1.97 3.47
C GLY A 81 -11.71 0.77 4.29
N ILE A 82 -11.95 -0.34 3.60
CA ILE A 82 -12.51 -1.54 4.23
C ILE A 82 -11.53 -2.25 5.18
N GLY A 83 -10.22 -2.02 5.03
CA GLY A 83 -9.23 -2.72 5.84
C GLY A 83 -9.24 -4.24 5.64
N MET A 84 -8.29 -4.92 6.27
CA MET A 84 -8.04 -6.33 6.06
C MET A 84 -7.83 -7.05 7.39
N THR A 85 -8.45 -8.22 7.51
CA THR A 85 -8.27 -9.09 8.71
C THR A 85 -6.89 -9.75 8.74
N LYS A 86 -6.55 -10.37 9.87
CA LYS A 86 -5.34 -11.19 9.97
C LYS A 86 -5.28 -12.21 8.83
N ALA A 87 -6.40 -12.91 8.61
CA ALA A 87 -6.49 -13.98 7.61
C ALA A 87 -6.30 -13.43 6.19
N GLU A 88 -6.98 -12.31 5.92
CA GLU A 88 -6.82 -11.60 4.69
C GLU A 88 -5.37 -11.13 4.44
N LEU A 89 -4.77 -10.48 5.42
CA LEU A 89 -3.39 -10.08 5.25
C LEU A 89 -2.55 -11.31 4.88
N ILE A 90 -2.85 -12.44 5.51
CA ILE A 90 -2.03 -13.63 5.35
C ILE A 90 -2.21 -14.16 3.94
N ASN A 91 -3.47 -14.41 3.56
CA ASN A 91 -3.80 -15.08 2.27
C ASN A 91 -3.56 -14.19 1.06
N ASN A 92 -4.12 -12.97 1.08
CA ASN A 92 -4.07 -12.04 -0.06
C ASN A 92 -2.75 -11.33 -0.33
N LEU A 93 -1.85 -11.33 0.64
CA LEU A 93 -0.59 -10.61 0.48
C LEU A 93 0.62 -11.51 0.62
N GLY A 94 0.55 -12.72 0.07
CA GLY A 94 1.77 -13.49 -0.10
C GLY A 94 1.80 -15.01 0.00
N THR A 95 0.88 -15.60 0.76
CA THR A 95 0.88 -17.06 0.91
C THR A 95 0.14 -17.76 -0.23
N ILE A 96 -0.95 -17.17 -0.71
CA ILE A 96 -1.69 -17.78 -1.80
C ILE A 96 -1.22 -17.28 -3.18
N ALA A 97 -1.05 -18.26 -4.08
CA ALA A 97 -0.80 -18.06 -5.50
C ALA A 97 -1.69 -16.94 -6.04
N LYS A 98 -1.07 -15.83 -6.46
CA LYS A 98 -1.83 -14.66 -6.90
C LYS A 98 -2.14 -14.66 -8.39
N SER A 99 -3.42 -14.47 -8.71
CA SER A 99 -3.91 -14.22 -10.08
C SER A 99 -2.82 -14.03 -11.18
N GLY A 100 -2.26 -12.82 -11.33
CA GLY A 100 -1.37 -12.55 -12.46
C GLY A 100 0.12 -12.33 -12.21
N THR A 101 0.66 -12.88 -11.13
CA THR A 101 2.09 -12.73 -10.80
C THR A 101 3.02 -13.31 -11.88
N LYS A 102 2.80 -14.57 -12.25
CA LYS A 102 3.40 -15.23 -13.44
C LYS A 102 3.19 -14.39 -14.71
N ALA A 103 1.95 -14.34 -15.19
CA ALA A 103 1.57 -13.56 -16.37
C ALA A 103 2.27 -12.18 -16.46
N PHE A 104 2.34 -11.47 -15.33
CA PHE A 104 2.97 -10.17 -15.32
C PHE A 104 4.47 -10.25 -15.56
N MET A 105 5.13 -11.19 -14.92
CA MET A 105 6.56 -11.30 -15.14
C MET A 105 6.88 -11.67 -16.59
N GLU A 106 6.11 -12.62 -17.16
CA GLU A 106 6.21 -13.00 -18.59
C GLU A 106 6.02 -11.77 -19.47
N ALA A 107 5.00 -10.97 -19.19
CA ALA A 107 4.83 -9.68 -19.87
C ALA A 107 6.07 -8.76 -19.75
N LEU A 108 6.71 -8.70 -18.58
CA LEU A 108 7.94 -7.90 -18.43
C LEU A 108 9.07 -8.48 -19.27
N SER A 109 9.28 -9.79 -19.18
CA SER A 109 10.20 -10.53 -20.06
C SER A 109 10.03 -10.07 -21.50
N ALA A 110 8.79 -9.91 -21.94
CA ALA A 110 8.54 -9.50 -23.33
C ALA A 110 8.77 -8.01 -23.61
N GLY A 111 8.89 -7.16 -22.59
CA GLY A 111 9.18 -5.73 -22.82
C GLY A 111 8.10 -4.76 -22.34
N ALA A 112 7.08 -5.33 -21.67
CA ALA A 112 5.99 -4.55 -21.08
C ALA A 112 6.53 -3.50 -20.14
N ASP A 113 5.80 -2.39 -20.05
CA ASP A 113 6.20 -1.31 -19.16
C ASP A 113 5.77 -1.65 -17.74
N VAL A 114 6.65 -1.42 -16.75
CA VAL A 114 6.29 -1.65 -15.33
C VAL A 114 4.90 -1.03 -15.03
N SER A 115 4.65 0.15 -15.60
CA SER A 115 3.35 0.82 -15.46
C SER A 115 2.14 -0.14 -15.41
N MET A 116 2.18 -1.22 -16.19
CA MET A 116 1.06 -2.16 -16.33
C MET A 116 0.74 -3.02 -15.09
N ILE A 117 1.65 -3.01 -14.13
CA ILE A 117 1.57 -3.92 -12.98
C ILE A 117 0.13 -3.91 -12.41
N GLY A 118 -0.50 -2.72 -12.46
CA GLY A 118 -1.81 -2.48 -11.88
C GLY A 118 -2.86 -3.28 -12.59
N GLN A 119 -2.67 -3.43 -13.89
CA GLN A 119 -3.65 -4.16 -14.69
C GLN A 119 -3.52 -5.67 -14.57
N PHE A 120 -2.45 -6.13 -13.90
CA PHE A 120 -2.31 -7.55 -13.56
C PHE A 120 -2.74 -7.87 -12.12
N GLY A 121 -3.33 -6.89 -11.43
CA GLY A 121 -3.78 -7.11 -10.06
C GLY A 121 -2.62 -7.43 -9.10
N VAL A 122 -1.42 -6.88 -9.37
CA VAL A 122 -0.28 -6.99 -8.42
C VAL A 122 0.41 -5.64 -8.21
N GLY A 123 -0.33 -4.57 -8.47
CA GLY A 123 0.14 -3.19 -8.25
C GLY A 123 0.73 -2.94 -6.88
N PHE A 124 0.12 -3.54 -5.86
CA PHE A 124 0.64 -3.49 -4.49
C PHE A 124 2.15 -3.63 -4.47
N TYR A 125 2.71 -4.56 -5.26
CA TYR A 125 4.13 -4.86 -5.17
C TYR A 125 5.04 -3.79 -5.82
N SER A 126 4.45 -2.81 -6.52
CA SER A 126 5.22 -1.71 -7.11
C SER A 126 5.83 -0.84 -6.07
N LEU A 127 5.39 -0.98 -4.83
CA LEU A 127 5.88 -0.13 -3.76
C LEU A 127 7.35 -0.46 -3.51
N PHE A 128 7.77 -1.66 -3.91
CA PHE A 128 9.20 -2.01 -3.85
C PHE A 128 10.14 -1.32 -4.81
N LEU A 129 9.56 -0.66 -5.81
CA LEU A 129 10.27 0.32 -6.59
C LEU A 129 10.91 1.38 -5.70
N VAL A 130 10.20 1.86 -4.67
CA VAL A 130 10.73 3.01 -3.92
C VAL A 130 11.13 2.70 -2.50
N ALA A 131 10.88 1.47 -2.05
CA ALA A 131 11.00 1.10 -0.63
C ALA A 131 11.70 -0.26 -0.42
N ASP A 132 12.55 -0.37 0.62
CA ASP A 132 13.14 -1.69 0.97
C ASP A 132 12.48 -2.45 2.14
N ARG A 133 11.42 -1.87 2.73
CA ARG A 133 10.68 -2.44 3.85
C ARG A 133 9.30 -1.76 3.72
N VAL A 134 8.22 -2.48 4.01
CA VAL A 134 6.88 -1.91 4.08
C VAL A 134 6.25 -2.49 5.32
N GLN A 135 5.47 -1.67 6.00
CA GLN A 135 4.50 -2.28 6.91
C GLN A 135 3.12 -1.94 6.39
N VAL A 136 2.28 -2.97 6.15
CA VAL A 136 0.85 -2.71 5.88
C VAL A 136 0.19 -2.85 7.23
N ILE A 137 -0.42 -1.79 7.76
CA ILE A 137 -1.06 -1.85 9.10
C ILE A 137 -2.54 -1.70 8.82
N SER A 138 -3.37 -2.56 9.39
CA SER A 138 -4.71 -2.55 8.92
C SER A 138 -5.75 -2.86 9.95
N LYS A 139 -6.89 -2.18 9.84
CA LYS A 139 -7.99 -2.44 10.75
C LYS A 139 -9.29 -2.64 9.98
N SER A 140 -9.71 -3.90 9.96
CA SER A 140 -11.02 -4.25 9.42
C SER A 140 -12.07 -4.22 10.54
N ASN A 141 -13.31 -3.86 10.21
CA ASN A 141 -14.40 -3.97 11.19
C ASN A 141 -14.54 -5.37 11.75
N ASP A 142 -14.01 -6.37 11.07
CA ASP A 142 -14.22 -7.72 11.56
C ASP A 142 -13.06 -8.35 12.32
N ASP A 143 -12.12 -7.57 12.83
CA ASP A 143 -10.91 -8.15 13.49
C ASP A 143 -10.17 -7.02 14.16
N GLU A 144 -9.13 -7.36 14.93
CA GLU A 144 -8.24 -6.40 15.59
C GLU A 144 -7.28 -5.79 14.57
N GLN A 145 -6.55 -4.76 15.00
CA GLN A 145 -5.52 -4.14 14.19
C GLN A 145 -4.26 -5.01 14.13
N TYR A 146 -3.77 -5.24 12.92
CA TYR A 146 -2.53 -6.05 12.63
C TYR A 146 -1.55 -5.33 11.71
N ILE A 147 -0.28 -5.72 11.86
CA ILE A 147 0.82 -5.24 11.07
C ILE A 147 1.41 -6.40 10.25
N TRP A 148 1.41 -6.23 8.93
CA TRP A 148 2.06 -7.13 8.02
C TRP A 148 3.36 -6.46 7.61
N GLU A 149 4.45 -7.23 7.65
CA GLU A 149 5.75 -6.64 7.42
C GLU A 149 6.61 -7.48 6.49
N SER A 150 7.31 -6.76 5.63
CA SER A 150 8.11 -7.33 4.59
C SER A 150 9.22 -6.40 4.19
N ASN A 151 10.38 -7.02 3.97
CA ASN A 151 11.61 -6.40 3.45
C ASN A 151 11.96 -6.97 2.07
N ALA A 152 10.94 -7.49 1.37
CA ALA A 152 11.08 -8.10 0.04
C ALA A 152 11.73 -9.49 0.04
N GLY A 153 12.21 -9.96 1.22
CA GLY A 153 12.80 -11.31 1.38
C GLY A 153 11.90 -12.47 0.97
N GLY A 154 12.13 -13.64 1.55
CA GLY A 154 11.26 -14.79 1.29
C GLY A 154 10.06 -14.95 2.25
N SER A 155 10.07 -14.18 3.34
CA SER A 155 8.96 -14.24 4.28
C SER A 155 8.44 -12.87 4.79
N PHE A 156 7.24 -12.89 5.36
CA PHE A 156 6.66 -11.74 6.02
C PHE A 156 6.23 -12.17 7.41
N THR A 157 6.08 -11.22 8.31
CA THR A 157 5.49 -11.51 9.59
C THR A 157 4.12 -10.83 9.65
N VAL A 158 3.29 -11.31 10.60
CA VAL A 158 2.02 -10.72 10.90
C VAL A 158 1.93 -10.69 12.42
N THR A 159 1.63 -9.50 12.96
CA THR A 159 1.68 -9.27 14.40
C THR A 159 0.45 -8.47 14.83
N LEU A 160 -0.20 -8.90 15.91
CA LEU A 160 -1.25 -8.13 16.57
C LEU A 160 -0.65 -6.76 16.89
N ASP A 161 -1.38 -5.70 16.60
CA ASP A 161 -0.75 -4.36 16.65
C ASP A 161 -0.94 -3.72 18.01
N GLU A 162 0.04 -3.87 18.91
CA GLU A 162 -0.07 -3.22 20.23
C GLU A 162 0.86 -1.99 20.25
N VAL A 163 1.09 -1.41 19.07
CA VAL A 163 2.19 -0.48 18.87
C VAL A 163 1.86 0.79 18.04
N ASN A 164 0.85 0.74 17.19
CA ASN A 164 0.62 1.89 16.34
C ASN A 164 -0.61 2.62 16.75
N GLU A 165 -0.78 3.85 16.31
CA GLU A 165 -2.01 4.59 16.58
C GLU A 165 -3.16 3.71 16.11
N ARG A 166 -4.31 3.80 16.77
CA ARG A 166 -5.51 3.06 16.31
C ARG A 166 -6.07 3.71 15.06
N ILE A 167 -6.04 2.94 13.96
CA ILE A 167 -6.86 3.23 12.80
C ILE A 167 -8.25 2.82 13.30
N GLY A 168 -9.26 3.63 12.98
CA GLY A 168 -10.65 3.28 13.32
C GLY A 168 -11.08 2.15 12.42
N ARG A 169 -10.88 2.36 11.11
CA ARG A 169 -11.08 1.32 10.11
C ARG A 169 -10.15 1.66 8.94
N GLY A 170 -9.55 0.67 8.27
CA GLY A 170 -8.67 0.98 7.13
C GLY A 170 -7.25 0.46 7.17
N THR A 171 -6.37 1.15 6.49
CA THR A 171 -5.06 0.63 6.22
C THR A 171 -4.13 1.79 6.06
N ILE A 172 -2.95 1.63 6.65
CA ILE A 172 -1.83 2.51 6.44
C ILE A 172 -0.77 1.66 5.75
N LEU A 173 -0.29 2.18 4.61
CA LEU A 173 0.91 1.72 3.97
C LEU A 173 2.07 2.57 4.54
N ARG A 174 2.94 1.90 5.30
CA ARG A 174 4.16 2.52 5.85
C ARG A 174 5.40 2.10 5.03
N LEU A 175 5.81 3.01 4.18
CA LEU A 175 6.91 2.78 3.28
C LEU A 175 8.20 3.33 3.90
N PHE A 176 9.17 2.44 4.13
CA PHE A 176 10.54 2.83 4.49
C PHE A 176 11.31 3.03 3.18
N LEU A 177 11.38 4.28 2.74
CA LEU A 177 11.97 4.62 1.46
C LEU A 177 13.45 4.26 1.37
N LYS A 178 13.85 3.80 0.18
CA LYS A 178 15.26 3.63 -0.21
C LYS A 178 15.93 4.98 -0.10
N ASP A 179 17.26 5.01 0.06
CA ASP A 179 17.99 6.29 0.15
C ASP A 179 18.00 7.07 -1.16
N ASP A 180 18.02 6.38 -2.32
CA ASP A 180 17.96 7.11 -3.60
C ASP A 180 16.57 7.73 -3.86
N GLN A 181 15.55 7.27 -3.13
CA GLN A 181 14.15 7.67 -3.37
C GLN A 181 13.51 8.63 -2.36
N LEU A 182 14.32 9.49 -1.75
CA LEU A 182 13.76 10.46 -0.76
C LEU A 182 13.00 11.66 -1.35
N GLU A 183 12.94 11.77 -2.68
CA GLU A 183 12.17 12.84 -3.30
C GLU A 183 10.65 12.71 -2.94
N TYR A 184 10.23 11.49 -2.60
CA TYR A 184 8.80 11.22 -2.35
C TYR A 184 8.39 11.63 -0.91
N LEU A 185 9.32 12.28 -0.21
CA LEU A 185 9.04 12.97 1.05
C LEU A 185 8.66 14.44 0.83
N GLU A 186 8.98 14.97 -0.36
CA GLU A 186 8.79 16.39 -0.63
C GLU A 186 7.35 16.74 -1.03
N GLU A 187 6.75 17.70 -0.33
CA GLU A 187 5.42 18.21 -0.70
C GLU A 187 5.22 18.41 -2.22
N LYS A 188 6.09 19.17 -2.85
CA LYS A 188 5.87 19.52 -4.26
C LYS A 188 5.90 18.27 -5.16
N ARG A 189 6.77 17.32 -4.84
CA ARG A 189 6.90 16.10 -5.64
C ARG A 189 5.59 15.27 -5.50
N ILE A 190 5.16 15.02 -4.28
CA ILE A 190 3.82 14.41 -4.09
C ILE A 190 2.67 15.09 -4.87
N LYS A 191 2.47 16.41 -4.74
CA LYS A 191 1.38 17.09 -5.48
C LYS A 191 1.48 16.85 -7.00
N GLU A 192 2.70 16.91 -7.51
CA GLU A 192 2.98 16.64 -8.93
C GLU A 192 2.50 15.26 -9.40
N VAL A 193 2.93 14.20 -8.70
CA VAL A 193 2.60 12.82 -9.09
C VAL A 193 1.11 12.56 -9.02
N ILE A 194 0.52 12.96 -7.89
CA ILE A 194 -0.94 12.90 -7.66
C ILE A 194 -1.69 13.66 -8.78
N LYS A 195 -1.37 14.95 -9.02
CA LYS A 195 -2.08 15.74 -10.07
C LYS A 195 -1.98 15.12 -11.48
N ARG A 196 -0.77 14.67 -11.85
CA ARG A 196 -0.50 14.18 -13.19
C ARG A 196 -1.14 12.83 -13.38
N HIS A 197 -1.01 11.94 -12.40
CA HIS A 197 -1.33 10.52 -12.62
C HIS A 197 -2.46 9.91 -11.75
N SER A 198 -3.06 10.71 -10.88
CA SER A 198 -4.19 10.27 -10.07
C SER A 198 -5.30 11.35 -10.18
N GLU A 199 -5.65 11.69 -11.42
CA GLU A 199 -6.54 12.84 -11.64
C GLU A 199 -8.01 12.60 -11.28
N PHE A 200 -8.42 11.32 -11.22
CA PHE A 200 -9.83 10.97 -11.12
C PHE A 200 -10.11 10.04 -9.96
N VAL A 201 -10.09 10.62 -8.76
CA VAL A 201 -10.29 9.88 -7.55
C VAL A 201 -11.54 10.44 -6.87
N ALA A 202 -12.49 9.58 -6.51
CA ALA A 202 -13.75 9.99 -5.89
C ALA A 202 -13.64 10.46 -4.43
N TYR A 203 -12.43 10.41 -3.84
CA TYR A 203 -12.29 10.67 -2.41
C TYR A 203 -11.26 11.74 -2.21
N PRO A 204 -11.36 12.53 -1.12
CA PRO A 204 -10.39 13.60 -0.96
C PRO A 204 -9.04 13.00 -0.69
N ILE A 205 -7.99 13.55 -1.31
CA ILE A 205 -6.64 13.14 -0.99
C ILE A 205 -6.01 14.22 -0.11
N GLN A 206 -5.63 13.83 1.10
CA GLN A 206 -5.05 14.75 2.06
C GLN A 206 -3.57 14.59 2.17
N LEU A 207 -2.88 15.70 2.29
CA LEU A 207 -1.45 15.66 2.44
C LEU A 207 -1.09 16.37 3.74
N VAL A 208 -0.40 15.64 4.62
CA VAL A 208 -0.05 16.14 5.93
C VAL A 208 1.30 16.79 5.81
N VAL A 209 1.38 18.06 6.19
CA VAL A 209 2.61 18.82 6.02
C VAL A 209 3.02 19.34 7.40
N THR A 210 4.28 19.13 7.77
CA THR A 210 4.82 19.73 8.97
C THR A 210 5.54 21.04 8.68
N LYS A 211 5.04 22.17 9.16
CA LYS A 211 5.75 23.42 8.94
C LYS A 211 6.17 24.03 10.27
N GLU A 212 7.42 24.44 10.35
CA GLU A 212 7.97 25.07 11.54
C GLU A 212 7.37 26.48 11.62
N VAL A 213 6.77 26.86 12.76
CA VAL A 213 6.23 28.18 12.98
C VAL A 213 7.40 29.12 13.27
N GLU A 214 7.53 30.20 12.51
CA GLU A 214 8.59 31.17 12.79
C GLU A 214 7.98 32.56 12.76
N LYS A 215 7.06 32.75 11.96
#